data_7LB1
#
_entry.id   7LB1
#
_cell.length_a   45.167
_cell.length_b   54.665
_cell.length_c   122.049
_cell.angle_alpha   90.000
_cell.angle_beta   90.000
_cell.angle_gamma   90.000
#
_symmetry.space_group_name_H-M   'P 21 21 21'
#
loop_
_entity.id
_entity.type
_entity.pdbx_description
1 polymer 'Transcription initiation factor TFIID subunit 1'
2 non-polymer 1,2-ETHANEDIOL
3 non-polymer DI(HYDROXYETHYL)ETHER
4 non-polymer 5-{4-[(3R)-3-methylmorpholin-4-yl]-6-[1-(S-methylsulfonimidoyl)cyclopropyl]pyrimidin-2-yl}isoquinoline
5 water water
#
_entity_poly.entity_id   1
_entity_poly.type   'polypeptide(L)'
_entity_poly.pdbx_seq_one_letter_code
;SMSIHRRRTDPMVTLSSILESIINDMRDLPNTYPFHTPVNAKVVKDYYKIITRPMDLQTLRENVRKRLYPSREEFREHLE
LIVKNSATYNGPKHSLTQISQSMLDLCDEKLKEKEDKLARLEKAINPLLDDDDQVAFSFILDNIVTQKMMAVPDSWPFHH
PVNKKFVPDYYKVIVNPMDLETIRKNISKHKYQSRESFLDDVNLILANSVKYNGPESQYTKTAQEIVNVCYQTLTEYDEH
LTQLEKDICTAKEAALEEAELESLD
;
_entity_poly.pdbx_strand_id   A
#
loop_
_chem_comp.id
_chem_comp.type
_chem_comp.name
_chem_comp.formula
EDO non-polymer 1,2-ETHANEDIOL 'C2 H6 O2'
PEG non-polymer DI(HYDROXYETHYL)ETHER 'C4 H10 O3'
XWV non-polymer 5-{4-[(3R)-3-methylmorpholin-4-yl]-6-[1-(S-methylsulfonimidoyl)cyclopropyl]pyrimidin-2-yl}isoquinoline 'C22 H25 N5 O2 S'
#
# COMPACT_ATOMS: atom_id res chain seq x y z
N ASP A 10 -18.88 14.30 11.48
CA ASP A 10 -18.13 13.94 10.30
C ASP A 10 -17.34 12.69 10.67
N PRO A 11 -17.63 11.52 10.08
CA PRO A 11 -16.91 10.30 10.50
C PRO A 11 -15.42 10.37 10.25
N MET A 12 -14.96 11.24 9.35
CA MET A 12 -13.53 11.38 9.17
C MET A 12 -12.90 12.04 10.38
N VAL A 13 -13.62 12.96 11.01
CA VAL A 13 -13.13 13.57 12.24
C VAL A 13 -13.04 12.52 13.35
N THR A 14 -14.10 11.72 13.53
CA THR A 14 -14.09 10.66 14.53
C THR A 14 -12.95 9.67 14.28
N LEU A 15 -12.81 9.20 13.03
CA LEU A 15 -11.72 8.31 12.70
C LEU A 15 -10.39 8.94 13.07
N SER A 16 -10.20 10.21 12.68
CA SER A 16 -8.92 10.87 12.96
C SER A 16 -8.63 10.94 14.43
N SER A 17 -9.66 11.11 15.27
CA SER A 17 -9.41 11.18 16.71
C SER A 17 -8.95 9.83 17.23
N ILE A 18 -9.53 8.75 16.71
CA ILE A 18 -9.08 7.41 17.10
C ILE A 18 -7.63 7.19 16.69
N LEU A 19 -7.27 7.56 15.46
CA LEU A 19 -5.90 7.35 15.01
C LEU A 19 -4.92 8.17 15.83
N GLU A 20 -5.27 9.43 16.15
CA GLU A 20 -4.39 10.24 16.99
C GLU A 20 -4.22 9.61 18.36
N SER A 21 -5.27 9.02 18.93
CA SER A 21 -5.13 8.36 20.22
C SER A 21 -4.15 7.19 20.12
N ILE A 22 -4.15 6.47 19.02
CA ILE A 22 -3.20 5.38 18.83
C ILE A 22 -1.78 5.95 18.77
N ILE A 23 -1.57 7.07 18.09
CA ILE A 23 -0.27 7.71 18.06
C ILE A 23 0.17 8.08 19.47
N ASN A 24 -0.74 8.63 20.29
CA ASN A 24 -0.41 8.96 21.67
C ASN A 24 0.09 7.72 22.41
N ASP A 25 -0.58 6.60 22.20
CA ASP A 25 -0.22 5.37 22.88
C ASP A 25 1.14 4.86 22.39
N MET A 26 1.40 4.93 21.08
CA MET A 26 2.71 4.51 20.61
C MET A 26 3.85 5.40 21.03
N ARG A 27 3.63 6.72 21.10
CA ARG A 27 4.65 7.66 21.55
C ARG A 27 5.05 7.37 22.96
N ASP A 28 4.09 6.85 23.74
CA ASP A 28 4.33 6.54 25.11
C ASP A 28 5.09 5.24 25.36
N LEU A 29 5.39 4.42 24.37
CA LEU A 29 6.13 3.20 24.55
C LEU A 29 7.60 3.54 24.85
N PRO A 30 8.30 2.66 25.59
CA PRO A 30 9.70 2.95 25.93
C PRO A 30 10.60 3.06 24.72
N ASN A 31 11.50 4.04 24.80
CA ASN A 31 12.65 4.24 23.87
C ASN A 31 12.22 4.64 22.48
N THR A 32 10.98 5.09 22.29
CA THR A 32 10.49 5.42 20.96
C THR A 32 10.86 6.81 20.47
N TYR A 33 11.47 7.66 21.27
CA TYR A 33 11.73 9.02 20.85
C TYR A 33 12.42 9.13 19.48
N PRO A 34 13.39 8.28 19.12
CA PRO A 34 14.04 8.41 17.80
C PRO A 34 13.05 8.35 16.65
N PHE A 35 11.82 7.88 16.84
CA PHE A 35 10.78 7.78 15.84
C PHE A 35 9.74 8.87 15.97
N HIS A 36 9.87 9.79 16.94
CA HIS A 36 8.86 10.81 17.15
C HIS A 36 8.90 11.89 16.11
N THR A 37 10.02 12.13 15.46
CA THR A 37 10.19 13.24 14.55
C THR A 37 11.02 12.77 13.36
N PRO A 38 11.01 13.51 12.26
CA PRO A 38 11.76 13.07 11.06
C PRO A 38 13.25 12.92 11.35
N VAL A 39 13.86 11.93 10.73
CA VAL A 39 15.31 11.82 10.71
C VAL A 39 15.88 13.13 10.18
N ASN A 40 16.93 13.60 10.82
CA ASN A 40 17.65 14.78 10.41
C ASN A 40 18.68 14.39 9.37
N ALA A 41 18.36 14.62 8.09
CA ALA A 41 19.27 14.24 7.02
C ALA A 41 20.53 15.10 6.95
N LYS A 42 20.64 16.16 7.71
CA LYS A 42 21.94 16.84 7.78
C LYS A 42 22.86 16.22 8.81
N VAL A 43 22.34 15.43 9.72
CA VAL A 43 23.16 14.61 10.61
C VAL A 43 23.39 13.22 10.04
N VAL A 44 22.35 12.55 9.57
CA VAL A 44 22.39 11.23 8.97
C VAL A 44 22.48 11.45 7.46
N LYS A 45 23.70 11.71 6.97
CA LYS A 45 23.89 12.35 5.68
C LYS A 45 23.55 11.43 4.54
N ASP A 46 23.58 10.12 4.75
CA ASP A 46 23.24 9.17 3.69
C ASP A 46 21.82 8.65 3.79
N TYR A 47 21.01 9.23 4.67
CA TYR A 47 19.71 8.64 4.95
C TYR A 47 18.86 8.52 3.69
N TYR A 48 18.79 9.59 2.88
CA TYR A 48 17.95 9.56 1.67
C TYR A 48 18.60 8.81 0.52
N LYS A 49 19.89 8.47 0.61
CA LYS A 49 20.49 7.57 -0.36
C LYS A 49 20.05 6.12 -0.11
N ILE A 50 19.55 5.83 1.09
CA ILE A 50 19.15 4.48 1.47
C ILE A 50 17.64 4.33 1.54
N ILE A 51 16.95 5.36 2.06
CA ILE A 51 15.52 5.31 2.35
C ILE A 51 14.75 6.15 1.33
N THR A 52 13.69 5.60 0.80
CA THR A 52 12.88 6.23 -0.22
C THR A 52 11.64 6.88 0.33
N ARG A 53 11.06 6.36 1.38
CA ARG A 53 9.76 6.84 1.92
C ARG A 53 9.92 7.09 3.42
N PRO A 54 10.56 8.19 3.80
CA PRO A 54 10.71 8.50 5.22
C PRO A 54 9.38 8.66 5.92
N MET A 55 9.34 8.26 7.19
CA MET A 55 8.11 8.40 8.00
C MET A 55 8.49 8.45 9.48
N ASP A 56 7.69 9.14 10.27
CA ASP A 56 7.92 9.26 11.72
C ASP A 56 6.57 9.59 12.34
N LEU A 57 6.48 9.58 13.65
CA LEU A 57 5.16 9.78 14.29
C LEU A 57 4.61 11.19 14.15
N GLN A 58 5.47 12.23 14.11
CA GLN A 58 4.93 13.58 13.95
C GLN A 58 4.36 13.77 12.55
N THR A 59 5.04 13.28 11.52
CA THR A 59 4.48 13.35 10.17
C THR A 59 3.20 12.55 10.11
N LEU A 60 3.16 11.38 10.73
CA LEU A 60 1.95 10.59 10.76
C LEU A 60 0.81 11.35 11.43
N ARG A 61 1.09 11.98 12.57
CA ARG A 61 0.06 12.74 13.25
C ARG A 61 -0.43 13.92 12.40
N GLU A 62 0.48 14.62 11.76
CA GLU A 62 0.07 15.75 10.93
C GLU A 62 -0.74 15.27 9.73
N ASN A 63 -0.42 14.09 9.20
CA ASN A 63 -1.21 13.51 8.12
C ASN A 63 -2.58 13.13 8.61
N VAL A 64 -2.72 12.60 9.82
CA VAL A 64 -4.04 12.34 10.39
C VAL A 64 -4.83 13.62 10.42
N ARG A 65 -4.18 14.71 10.82
CA ARG A 65 -4.87 16.00 10.90
C ARG A 65 -5.17 16.57 9.52
N LYS A 66 -4.39 16.24 8.50
CA LYS A 66 -4.67 16.64 7.12
C LYS A 66 -5.76 15.76 6.46
N ARG A 67 -6.37 14.83 7.22
CA ARG A 67 -7.43 13.96 6.73
C ARG A 67 -6.96 13.08 5.56
N LEU A 68 -5.70 12.64 5.63
CA LEU A 68 -5.13 11.81 4.60
C LEU A 68 -5.48 10.34 4.74
N TYR A 69 -6.04 9.92 5.89
CA TYR A 69 -6.28 8.50 6.12
C TYR A 69 -7.77 8.29 6.24
N PRO A 70 -8.43 7.78 5.20
CA PRO A 70 -9.86 7.44 5.29
C PRO A 70 -10.13 6.06 5.89
N SER A 71 -9.07 5.33 6.22
CA SER A 71 -9.29 4.01 6.79
C SER A 71 -8.07 3.63 7.61
N ARG A 72 -8.20 2.55 8.35
CA ARG A 72 -7.09 2.05 9.18
C ARG A 72 -5.98 1.55 8.28
N GLU A 73 -6.24 1.17 7.03
CA GLU A 73 -5.18 0.52 6.25
C GLU A 73 -4.20 1.56 5.74
N GLU A 74 -4.70 2.73 5.29
CA GLU A 74 -3.81 3.82 4.79
C GLU A 74 -2.91 4.29 5.95
N PHE A 75 -3.44 4.37 7.18
CA PHE A 75 -2.67 4.74 8.35
C PHE A 75 -1.63 3.70 8.68
N ARG A 76 -2.04 2.43 8.71
CA ARG A 76 -1.14 1.37 9.09
C ARG A 76 0.01 1.25 8.10
N GLU A 77 -0.27 1.46 6.82
CA GLU A 77 0.80 1.37 5.82
C GLU A 77 1.89 2.40 6.08
N HIS A 78 1.49 3.64 6.40
CA HIS A 78 2.51 4.63 6.73
C HIS A 78 3.22 4.30 8.01
N LEU A 79 2.51 3.80 9.03
CA LEU A 79 3.16 3.42 10.25
C LEU A 79 4.20 2.32 10.00
N GLU A 80 3.85 1.34 9.14
CA GLU A 80 4.76 0.24 8.85
C GLU A 80 6.04 0.73 8.18
N LEU A 81 6.00 1.85 7.44
CA LEU A 81 7.21 2.39 6.88
C LEU A 81 8.23 2.68 7.95
N ILE A 82 7.80 3.11 9.14
CA ILE A 82 8.76 3.42 10.19
C ILE A 82 9.58 2.19 10.50
N VAL A 83 8.92 1.03 10.61
CA VAL A 83 9.58 -0.23 10.90
C VAL A 83 10.45 -0.66 9.73
N LYS A 84 9.90 -0.63 8.51
CA LYS A 84 10.66 -1.04 7.34
C LYS A 84 11.90 -0.21 7.15
N ASN A 85 11.79 1.07 7.34
CA ASN A 85 12.93 1.95 7.19
C ASN A 85 14.00 1.65 8.22
N SER A 86 13.59 1.40 9.48
CA SER A 86 14.58 1.06 10.49
C SER A 86 15.25 -0.25 10.15
N ALA A 87 14.47 -1.23 9.71
CA ALA A 87 15.04 -2.52 9.35
C ALA A 87 16.09 -2.37 8.27
N THR A 88 15.83 -1.51 7.28
CA THR A 88 16.77 -1.29 6.18
C THR A 88 17.99 -0.52 6.64
N TYR A 89 17.79 0.58 7.35
CA TYR A 89 18.90 1.48 7.67
C TYR A 89 19.68 0.97 8.88
N ASN A 90 18.96 0.64 9.94
CA ASN A 90 19.60 0.22 11.19
C ASN A 90 19.87 -1.26 11.24
N GLY A 91 19.06 -2.08 10.63
CA GLY A 91 19.18 -3.52 10.62
C GLY A 91 17.95 -4.18 11.17
N PRO A 92 17.62 -5.39 10.71
CA PRO A 92 16.37 -6.02 11.16
C PRO A 92 16.33 -6.39 12.62
N LYS A 93 17.48 -6.58 13.26
CA LYS A 93 17.50 -6.98 14.67
C LYS A 93 17.95 -5.85 15.60
N HIS A 94 18.28 -4.71 15.03
CA HIS A 94 18.71 -3.54 15.79
C HIS A 94 17.66 -3.19 16.82
N SER A 95 18.09 -2.74 17.99
CA SER A 95 17.14 -2.30 19.01
C SER A 95 16.15 -1.26 18.47
N LEU A 96 16.62 -0.36 17.60
CA LEU A 96 15.67 0.63 17.06
C LEU A 96 14.59 -0.05 16.26
N THR A 97 14.91 -1.09 15.50
CA THR A 97 13.89 -1.79 14.76
C THR A 97 12.93 -2.53 15.68
N GLN A 98 13.43 -3.15 16.75
CA GLN A 98 12.55 -3.78 17.75
C GLN A 98 11.64 -2.75 18.38
N ILE A 99 12.16 -1.56 18.66
CA ILE A 99 11.34 -0.49 19.23
C ILE A 99 10.26 -0.07 18.26
N SER A 100 10.61 0.12 17.00
CA SER A 100 9.58 0.48 16.03
C SER A 100 8.54 -0.61 15.91
N GLN A 101 8.95 -1.86 15.95
CA GLN A 101 8.01 -2.95 15.89
C GLN A 101 7.08 -2.93 17.09
N SER A 102 7.56 -2.54 18.26
CA SER A 102 6.68 -2.46 19.44
C SER A 102 5.54 -1.45 19.19
N MET A 103 5.82 -0.41 18.43
CA MET A 103 4.76 0.53 18.10
C MET A 103 3.74 -0.05 17.16
N LEU A 104 4.21 -0.75 16.12
CA LEU A 104 3.29 -1.40 15.19
C LEU A 104 2.44 -2.45 15.89
N ASP A 105 3.03 -3.21 16.82
CA ASP A 105 2.31 -4.22 17.57
C ASP A 105 1.22 -3.60 18.43
N LEU A 106 1.54 -2.48 19.07
CA LEU A 106 0.50 -1.80 19.87
C LEU A 106 -0.61 -1.27 18.98
N CYS A 107 -0.26 -0.68 17.84
CA CYS A 107 -1.27 -0.25 16.90
C CYS A 107 -2.20 -1.39 16.54
N ASP A 108 -1.64 -2.54 16.21
CA ASP A 108 -2.47 -3.67 15.81
C ASP A 108 -3.38 -4.12 16.95
N GLU A 109 -2.90 -4.07 18.19
CA GLU A 109 -3.78 -4.35 19.34
C GLU A 109 -4.96 -3.38 19.39
N LYS A 110 -4.67 -2.07 19.23
CA LYS A 110 -5.73 -1.06 19.33
C LYS A 110 -6.71 -1.18 18.17
N LEU A 111 -6.20 -1.43 16.96
CA LEU A 111 -7.10 -1.60 15.81
C LEU A 111 -8.01 -2.81 15.99
N LYS A 112 -7.48 -3.90 16.56
CA LYS A 112 -8.32 -5.06 16.84
C LYS A 112 -9.37 -4.74 17.89
N GLU A 113 -8.99 -4.04 18.94
CA GLU A 113 -9.94 -3.71 19.98
C GLU A 113 -11.11 -2.89 19.42
N LYS A 114 -10.82 -2.02 18.45
CA LYS A 114 -11.81 -1.06 17.94
C LYS A 114 -12.31 -1.42 16.56
N GLU A 115 -12.19 -2.69 16.17
CA GLU A 115 -12.40 -3.02 14.77
C GLU A 115 -13.83 -2.75 14.30
N ASP A 116 -14.82 -3.01 15.13
CA ASP A 116 -16.20 -2.81 14.67
C ASP A 116 -16.53 -1.32 14.49
N LYS A 117 -16.11 -0.49 15.44
CA LYS A 117 -16.30 0.95 15.32
C LYS A 117 -15.56 1.47 14.10
N LEU A 118 -14.32 1.02 13.92
CA LEU A 118 -13.56 1.46 12.77
C LEU A 118 -14.20 1.06 11.46
N ALA A 119 -14.69 -0.17 11.37
CA ALA A 119 -15.39 -0.59 10.14
C ALA A 119 -16.58 0.31 9.85
N ARG A 120 -17.39 0.61 10.88
CA ARG A 120 -18.55 1.48 10.68
C ARG A 120 -18.12 2.84 10.14
N LEU A 121 -17.09 3.42 10.75
CA LEU A 121 -16.64 4.72 10.28
C LEU A 121 -16.14 4.64 8.85
N GLU A 122 -15.38 3.59 8.55
CA GLU A 122 -14.81 3.49 7.21
C GLU A 122 -15.90 3.39 6.15
N LYS A 123 -16.95 2.64 6.42
CA LYS A 123 -18.08 2.51 5.51
C LYS A 123 -18.86 3.81 5.40
N ALA A 124 -18.95 4.58 6.49
CA ALA A 124 -19.64 5.86 6.39
C ALA A 124 -18.80 6.86 5.59
N ILE A 125 -17.48 6.76 5.67
CA ILE A 125 -16.62 7.63 4.86
C ILE A 125 -16.65 7.22 3.39
N ASN A 126 -16.66 5.91 3.12
CA ASN A 126 -16.60 5.38 1.76
C ASN A 126 -17.54 4.19 1.66
N PRO A 127 -18.78 4.41 1.25
CA PRO A 127 -19.76 3.30 1.18
C PRO A 127 -19.37 2.15 0.26
N LEU A 128 -18.44 2.34 -0.68
CA LEU A 128 -18.07 1.23 -1.55
C LEU A 128 -17.37 0.13 -0.79
N LEU A 129 -16.80 0.46 0.37
CA LEU A 129 -16.18 -0.57 1.20
C LEU A 129 -17.21 -1.58 1.70
N ASP A 130 -18.49 -1.23 1.68
CA ASP A 130 -19.59 -2.10 2.10
C ASP A 130 -20.34 -2.66 0.91
N ASP A 131 -19.89 -2.38 -0.31
CA ASP A 131 -20.62 -2.79 -1.50
C ASP A 131 -20.19 -4.18 -1.93
N ASP A 132 -21.14 -5.10 -2.03
CA ASP A 132 -20.79 -6.50 -2.30
C ASP A 132 -20.18 -6.65 -3.69
N ASP A 133 -20.54 -5.79 -4.64
CA ASP A 133 -19.93 -5.88 -5.96
C ASP A 133 -18.49 -5.38 -5.97
N GLN A 134 -18.22 -4.28 -5.25
CA GLN A 134 -16.84 -3.84 -5.09
C GLN A 134 -16.01 -4.93 -4.45
N VAL A 135 -16.53 -5.55 -3.38
CA VAL A 135 -15.77 -6.57 -2.66
C VAL A 135 -15.50 -7.77 -3.56
N ALA A 136 -16.51 -8.20 -4.32
CA ALA A 136 -16.30 -9.33 -5.23
C ALA A 136 -15.31 -9.01 -6.33
N PHE A 137 -15.37 -7.80 -6.86
CA PHE A 137 -14.45 -7.38 -7.92
C PHE A 137 -13.01 -7.39 -7.41
N SER A 138 -12.80 -6.81 -6.22
CA SER A 138 -11.47 -6.78 -5.64
C SER A 138 -10.98 -8.18 -5.34
N PHE A 139 -11.88 -9.07 -4.89
CA PHE A 139 -11.47 -10.44 -4.61
C PHE A 139 -10.96 -11.15 -5.86
N ILE A 140 -11.64 -10.93 -6.99
CA ILE A 140 -11.20 -11.53 -8.26
C ILE A 140 -9.84 -10.96 -8.66
N LEU A 141 -9.68 -9.64 -8.58
CA LEU A 141 -8.37 -9.04 -8.93
C LEU A 141 -7.26 -9.60 -8.08
N ASP A 142 -7.51 -9.76 -6.76
CA ASP A 142 -6.45 -10.27 -5.90
C ASP A 142 -6.08 -11.68 -6.29
N ASN A 143 -7.08 -12.47 -6.67
CA ASN A 143 -6.81 -13.84 -7.08
C ASN A 143 -6.04 -13.89 -8.39
N ILE A 144 -6.31 -12.98 -9.31
CA ILE A 144 -5.50 -12.93 -10.53
C ILE A 144 -4.06 -12.62 -10.17
N VAL A 145 -3.84 -11.67 -9.24
CA VAL A 145 -2.47 -11.33 -8.89
C VAL A 145 -1.76 -12.50 -8.23
N THR A 146 -2.39 -13.13 -7.23
CA THR A 146 -1.67 -14.15 -6.45
C THR A 146 -1.60 -15.48 -7.19
N GLN A 147 -2.64 -15.87 -7.90
CA GLN A 147 -2.69 -17.21 -8.48
C GLN A 147 -2.16 -17.27 -9.90
N LYS A 148 -2.16 -16.15 -10.62
CA LYS A 148 -1.70 -16.11 -12.01
C LYS A 148 -0.43 -15.28 -12.16
N MET A 149 -0.46 -14.05 -11.72
CA MET A 149 0.65 -13.16 -12.02
C MET A 149 1.89 -13.49 -11.16
N MET A 150 1.71 -13.70 -9.84
CA MET A 150 2.84 -14.02 -8.98
C MET A 150 3.32 -15.42 -9.20
N ALA A 151 2.56 -16.26 -9.90
CA ALA A 151 2.96 -17.61 -10.24
C ALA A 151 3.81 -17.70 -11.51
N VAL A 152 3.97 -16.59 -12.23
CA VAL A 152 4.85 -16.58 -13.41
C VAL A 152 6.26 -16.93 -12.96
N PRO A 153 6.94 -17.85 -13.61
CA PRO A 153 8.31 -18.22 -13.18
C PRO A 153 9.24 -17.02 -13.16
N ASP A 154 10.06 -16.98 -12.10
CA ASP A 154 11.09 -15.96 -11.94
C ASP A 154 10.52 -14.56 -11.90
N SER A 155 9.31 -14.43 -11.41
CA SER A 155 8.67 -13.16 -11.27
C SER A 155 9.08 -12.41 -10.01
N TRP A 156 9.96 -12.95 -9.18
CA TRP A 156 10.37 -12.33 -7.91
C TRP A 156 10.80 -10.88 -8.03
N PRO A 157 11.44 -10.39 -9.10
CA PRO A 157 11.85 -8.99 -9.11
C PRO A 157 10.68 -8.03 -9.00
N PHE A 158 9.47 -8.48 -9.33
CA PHE A 158 8.28 -7.66 -9.45
C PHE A 158 7.31 -7.85 -8.32
N HIS A 159 7.62 -8.69 -7.33
CA HIS A 159 6.68 -8.97 -6.26
C HIS A 159 6.59 -7.88 -5.23
N HIS A 160 7.62 -7.06 -5.09
CA HIS A 160 7.72 -6.10 -4.00
C HIS A 160 8.38 -4.85 -4.53
N PRO A 161 8.24 -3.71 -3.83
CA PRO A 161 9.01 -2.56 -4.22
C PRO A 161 10.51 -2.81 -4.12
N VAL A 162 11.26 -2.25 -5.06
CA VAL A 162 12.71 -2.32 -4.98
C VAL A 162 13.21 -1.63 -3.74
N ASN A 163 14.12 -2.25 -3.04
CA ASN A 163 14.78 -1.64 -1.90
C ASN A 163 16.00 -0.90 -2.41
N LYS A 164 15.98 0.42 -2.28
CA LYS A 164 17.07 1.27 -2.74
C LYS A 164 18.38 0.93 -2.08
N LYS A 165 18.40 0.33 -0.90
CA LYS A 165 19.68 -0.07 -0.31
C LYS A 165 20.39 -1.04 -1.21
N PHE A 166 19.65 -1.89 -1.87
CA PHE A 166 20.26 -2.93 -2.70
C PHE A 166 20.42 -2.51 -4.13
N VAL A 167 19.64 -1.56 -4.60
CA VAL A 167 19.71 -1.04 -5.97
C VAL A 167 19.73 0.47 -5.91
N PRO A 168 20.88 1.10 -5.65
CA PRO A 168 20.89 2.51 -5.23
C PRO A 168 20.38 3.54 -6.23
N ASP A 169 20.44 3.25 -7.54
CA ASP A 169 19.99 4.20 -8.56
C ASP A 169 18.59 3.93 -9.04
N TYR A 170 17.88 2.97 -8.44
CA TYR A 170 16.65 2.51 -9.09
C TYR A 170 15.63 3.64 -9.22
N TYR A 171 15.45 4.47 -8.19
CA TYR A 171 14.40 5.47 -8.17
C TYR A 171 14.86 6.79 -8.80
N LYS A 172 16.12 6.87 -9.19
CA LYS A 172 16.61 8.01 -10.00
C LYS A 172 16.13 7.72 -11.44
N VAL A 173 16.04 6.44 -11.83
CA VAL A 173 15.58 6.06 -13.16
C VAL A 173 14.09 5.89 -13.19
N ILE A 174 13.52 5.22 -12.22
CA ILE A 174 12.12 4.85 -12.13
C ILE A 174 11.49 5.80 -11.12
N VAL A 175 10.80 6.80 -11.61
CA VAL A 175 10.18 7.80 -10.74
C VAL A 175 8.73 7.47 -10.45
N ASN A 176 8.13 6.56 -11.20
CA ASN A 176 6.75 6.11 -11.03
C ASN A 176 6.79 4.60 -10.85
N PRO A 177 7.29 4.13 -9.73
CA PRO A 177 7.44 2.69 -9.53
C PRO A 177 6.13 2.02 -9.26
N MET A 178 6.12 0.71 -9.55
CA MET A 178 4.98 -0.16 -9.24
C MET A 178 5.46 -1.59 -9.10
N ASP A 179 4.75 -2.36 -8.32
CA ASP A 179 5.08 -3.75 -8.06
C ASP A 179 3.79 -4.47 -7.65
N LEU A 180 3.83 -5.79 -7.59
CA LEU A 180 2.64 -6.57 -7.34
C LEU A 180 2.13 -6.44 -5.93
N GLU A 181 3.01 -6.24 -4.94
CA GLU A 181 2.57 -6.03 -3.57
C GLU A 181 1.79 -4.75 -3.46
N THR A 182 2.29 -3.70 -4.07
CA THR A 182 1.58 -2.42 -4.07
C THR A 182 0.22 -2.56 -4.73
N ILE A 183 0.15 -3.32 -5.84
CA ILE A 183 -1.16 -3.58 -6.43
C ILE A 183 -2.07 -4.31 -5.47
N ARG A 184 -1.56 -5.33 -4.78
CA ARG A 184 -2.39 -6.04 -3.80
C ARG A 184 -2.86 -5.10 -2.68
N LYS A 185 -2.01 -4.21 -2.21
CA LYS A 185 -2.44 -3.25 -1.19
C LYS A 185 -3.54 -2.35 -1.74
N ASN A 186 -3.38 -1.90 -2.98
CA ASN A 186 -4.42 -1.10 -3.61
C ASN A 186 -5.72 -1.85 -3.71
N ILE A 187 -5.67 -3.12 -4.08
CA ILE A 187 -6.88 -3.96 -4.14
C ILE A 187 -7.54 -4.06 -2.79
N SER A 188 -6.76 -4.26 -1.73
CA SER A 188 -7.29 -4.37 -0.36
C SER A 188 -7.97 -3.09 0.09
N LYS A 189 -7.54 -1.93 -0.41
CA LYS A 189 -8.16 -0.64 -0.15
C LYS A 189 -9.28 -0.33 -1.13
N HIS A 190 -9.59 -1.25 -2.04
CA HIS A 190 -10.63 -1.08 -3.06
C HIS A 190 -10.36 0.14 -3.94
N LYS A 191 -9.11 0.32 -4.32
CA LYS A 191 -8.74 1.43 -5.18
C LYS A 191 -9.28 1.27 -6.58
N TYR A 192 -9.46 0.03 -7.03
CA TYR A 192 -9.83 -0.21 -8.43
C TYR A 192 -11.33 -0.51 -8.52
N GLN A 193 -12.02 0.30 -9.29
CA GLN A 193 -13.42 0.10 -9.64
C GLN A 193 -13.58 -0.45 -11.04
N SER A 194 -12.51 -0.51 -11.81
CA SER A 194 -12.57 -0.93 -13.22
C SER A 194 -11.29 -1.64 -13.60
N ARG A 195 -11.33 -2.38 -14.69
CA ARG A 195 -10.14 -3.05 -15.18
C ARG A 195 -9.15 -2.04 -15.71
N GLU A 196 -9.63 -0.88 -16.15
CA GLU A 196 -8.74 0.09 -16.73
C GLU A 196 -7.73 0.59 -15.71
N SER A 197 -8.19 0.93 -14.49
CA SER A 197 -7.25 1.50 -13.52
C SER A 197 -6.29 0.42 -13.01
N PHE A 198 -6.79 -0.81 -12.88
CA PHE A 198 -5.95 -1.94 -12.53
C PHE A 198 -4.85 -2.14 -13.54
N LEU A 199 -5.21 -2.07 -14.85
CA LEU A 199 -4.26 -2.28 -15.93
C LEU A 199 -3.29 -1.13 -16.06
N ASP A 200 -3.68 0.08 -15.63
CA ASP A 200 -2.71 1.18 -15.59
C ASP A 200 -1.56 0.79 -14.68
N ASP A 201 -1.87 0.23 -13.50
CA ASP A 201 -0.79 -0.15 -12.57
C ASP A 201 -0.04 -1.39 -13.04
N VAL A 202 -0.76 -2.38 -13.56
CA VAL A 202 -0.08 -3.55 -14.06
C VAL A 202 0.93 -3.19 -15.12
N ASN A 203 0.51 -2.37 -16.10
CA ASN A 203 1.38 -1.99 -17.19
C ASN A 203 2.54 -1.15 -16.75
N LEU A 204 2.40 -0.41 -15.65
CA LEU A 204 3.52 0.35 -15.14
C LEU A 204 4.66 -0.56 -14.71
N ILE A 205 4.35 -1.76 -14.22
CA ILE A 205 5.42 -2.71 -13.89
C ILE A 205 6.25 -3.02 -15.13
N LEU A 206 5.57 -3.29 -16.26
CA LEU A 206 6.28 -3.60 -17.48
C LEU A 206 7.04 -2.40 -18.02
N ALA A 207 6.40 -1.23 -18.03
CA ALA A 207 7.06 -0.03 -18.50
C ALA A 207 8.34 0.26 -17.71
N ASN A 208 8.31 0.06 -16.39
CA ASN A 208 9.49 0.30 -15.57
C ASN A 208 10.57 -0.70 -15.90
N SER A 209 10.21 -1.93 -16.25
CA SER A 209 11.26 -2.89 -16.61
C SER A 209 11.88 -2.54 -17.94
N VAL A 210 11.06 -2.11 -18.90
CA VAL A 210 11.62 -1.67 -20.17
C VAL A 210 12.61 -0.56 -19.95
N LYS A 211 12.24 0.42 -19.10
CA LYS A 211 13.10 1.59 -18.88
C LYS A 211 14.36 1.22 -18.12
N TYR A 212 14.27 0.43 -17.07
CA TYR A 212 15.42 0.18 -16.21
C TYR A 212 16.31 -0.94 -16.77
N ASN A 213 15.73 -2.00 -17.31
CA ASN A 213 16.43 -3.20 -17.75
C ASN A 213 16.60 -3.26 -19.26
N GLY A 214 15.76 -2.63 -20.03
CA GLY A 214 15.86 -2.68 -21.47
C GLY A 214 14.78 -3.58 -22.03
N PRO A 215 14.39 -3.33 -23.25
CA PRO A 215 13.29 -4.08 -23.87
C PRO A 215 13.58 -5.55 -24.13
N GLU A 216 14.84 -5.94 -24.23
CA GLU A 216 15.18 -7.31 -24.60
C GLU A 216 15.70 -8.10 -23.40
N SER A 217 15.69 -7.52 -22.21
CA SER A 217 16.18 -8.21 -21.04
C SER A 217 15.26 -9.34 -20.61
N GLN A 218 15.85 -10.33 -19.95
CA GLN A 218 15.03 -11.36 -19.34
C GLN A 218 14.07 -10.79 -18.30
N TYR A 219 14.47 -9.74 -17.56
CA TYR A 219 13.52 -9.14 -16.64
C TYR A 219 12.27 -8.65 -17.36
N THR A 220 12.44 -8.02 -18.51
CA THR A 220 11.33 -7.51 -19.25
C THR A 220 10.51 -8.64 -19.89
N LYS A 221 11.15 -9.71 -20.33
CA LYS A 221 10.41 -10.86 -20.84
C LYS A 221 9.50 -11.43 -19.74
N THR A 222 10.00 -11.52 -18.51
CA THR A 222 9.17 -11.96 -17.39
C THR A 222 8.02 -10.98 -17.12
N ALA A 223 8.31 -9.70 -17.11
CA ALA A 223 7.27 -8.71 -16.88
C ALA A 223 6.20 -8.79 -17.98
N GLN A 224 6.60 -9.02 -19.24
CA GLN A 224 5.65 -9.18 -20.33
C GLN A 224 4.76 -10.38 -20.08
N GLU A 225 5.33 -11.47 -19.57
CA GLU A 225 4.53 -12.63 -19.29
C GLU A 225 3.54 -12.34 -18.15
N ILE A 226 3.94 -11.58 -17.14
CA ILE A 226 3.02 -11.17 -16.07
C ILE A 226 1.83 -10.40 -16.66
N VAL A 227 2.11 -9.44 -17.53
CA VAL A 227 1.05 -8.64 -18.14
C VAL A 227 0.18 -9.52 -19.03
N ASN A 228 0.79 -10.41 -19.79
CA ASN A 228 0.03 -11.25 -20.70
C ASN A 228 -0.91 -12.21 -19.96
N VAL A 229 -0.46 -12.81 -18.85
CA VAL A 229 -1.33 -13.69 -18.13
C VAL A 229 -2.43 -12.89 -17.44
N CYS A 230 -2.15 -11.63 -17.09
CA CYS A 230 -3.23 -10.78 -16.59
C CYS A 230 -4.30 -10.57 -17.66
N TYR A 231 -3.91 -10.19 -18.87
CA TYR A 231 -4.89 -9.98 -19.94
C TYR A 231 -5.65 -11.25 -20.22
N GLN A 232 -4.96 -12.39 -20.29
CA GLN A 232 -5.67 -13.64 -20.57
C GLN A 232 -6.72 -13.95 -19.51
N THR A 233 -6.38 -13.73 -18.24
CA THR A 233 -7.32 -14.08 -17.17
C THR A 233 -8.46 -13.07 -17.09
N LEU A 234 -8.18 -11.78 -17.26
CA LEU A 234 -9.26 -10.83 -17.35
C LEU A 234 -10.20 -11.15 -18.50
N THR A 235 -9.67 -11.60 -19.64
CA THR A 235 -10.55 -11.93 -20.77
C THR A 235 -11.46 -13.10 -20.42
N GLU A 236 -10.92 -14.08 -19.70
CA GLU A 236 -11.70 -15.25 -19.31
C GLU A 236 -12.86 -14.85 -18.40
N TYR A 237 -12.65 -13.86 -17.55
CA TYR A 237 -13.71 -13.43 -16.64
C TYR A 237 -14.48 -12.20 -17.13
N ASP A 238 -14.44 -11.92 -18.44
CA ASP A 238 -14.98 -10.65 -18.93
C ASP A 238 -16.42 -10.42 -18.53
N GLU A 239 -17.25 -11.44 -18.57
CA GLU A 239 -18.67 -11.15 -18.52
C GLU A 239 -19.03 -10.87 -17.07
N HIS A 240 -18.40 -11.61 -16.16
CA HIS A 240 -18.57 -11.34 -14.74
C HIS A 240 -17.98 -10.00 -14.34
N LEU A 241 -16.77 -9.68 -14.80
CA LEU A 241 -16.15 -8.40 -14.46
C LEU A 241 -16.98 -7.23 -15.02
N THR A 242 -17.55 -7.41 -16.21
CA THR A 242 -18.36 -6.35 -16.78
C THR A 242 -19.60 -6.09 -15.94
N GLN A 243 -20.23 -7.15 -15.46
CA GLN A 243 -21.40 -6.94 -14.63
C GLN A 243 -21.02 -6.27 -13.32
N LEU A 244 -19.93 -6.72 -12.72
CA LEU A 244 -19.50 -6.10 -11.47
C LEU A 244 -19.16 -4.63 -11.67
N GLU A 245 -18.48 -4.29 -12.76
CA GLU A 245 -18.13 -2.88 -12.97
C GLU A 245 -19.36 -2.02 -13.15
N LYS A 246 -20.37 -2.53 -13.84
CA LYS A 246 -21.60 -1.78 -14.01
C LYS A 246 -22.25 -1.54 -12.67
N ASP A 247 -22.31 -2.58 -11.83
CA ASP A 247 -22.98 -2.44 -10.55
C ASP A 247 -22.19 -1.56 -9.59
N ILE A 248 -20.87 -1.54 -9.72
CA ILE A 248 -20.08 -0.63 -8.92
C ILE A 248 -20.38 0.80 -9.32
N CYS A 249 -20.45 1.08 -10.64
CA CYS A 249 -20.80 2.43 -11.07
C CYS A 249 -22.13 2.88 -10.49
N THR A 250 -23.13 1.99 -10.49
CA THR A 250 -24.44 2.32 -9.90
C THR A 250 -24.33 2.65 -8.41
N ALA A 251 -23.57 1.84 -7.66
CA ALA A 251 -23.35 2.12 -6.23
C ALA A 251 -22.64 3.45 -6.02
N LYS A 252 -21.61 3.72 -6.85
CA LYS A 252 -20.79 4.95 -6.73
C LYS A 252 -21.69 6.18 -6.97
N GLU A 253 -22.66 6.09 -7.89
CA GLU A 253 -23.55 7.21 -8.14
C GLU A 253 -24.51 7.37 -6.98
N ALA A 254 -24.97 6.27 -6.39
CA ALA A 254 -25.91 6.39 -5.29
C ALA A 254 -25.24 6.94 -4.04
N ALA A 255 -23.92 6.75 -3.92
CA ALA A 255 -23.22 7.29 -2.77
C ALA A 255 -23.12 8.80 -2.93
N LEU A 256 -22.72 9.25 -4.11
CA LEU A 256 -22.50 10.69 -4.24
C LEU A 256 -23.86 11.38 -4.26
N GLU A 257 -24.91 10.66 -4.66
CA GLU A 257 -26.27 11.17 -4.62
C GLU A 257 -26.73 11.41 -3.19
N GLU A 258 -26.32 10.55 -2.25
CA GLU A 258 -26.71 10.82 -0.87
C GLU A 258 -26.00 12.03 -0.26
C1 EDO B . 15.40 6.17 12.77
O1 EDO B . 16.41 5.48 12.02
C2 EDO B . 15.65 6.04 14.28
O2 EDO B . 16.92 6.57 14.62
H11 EDO B . 14.42 5.76 12.53
H12 EDO B . 15.39 7.23 12.50
HO1 EDO B . 16.18 5.50 11.09
H21 EDO B . 15.61 4.98 14.56
H22 EDO B . 14.87 6.56 14.83
HO2 EDO B . 17.12 6.38 15.54
C1 EDO C . 5.03 12.80 17.68
O1 EDO C . 3.79 13.41 17.29
C2 EDO C . 4.80 11.76 18.76
O2 EDO C . 3.77 12.19 19.67
H11 EDO C . 5.72 13.57 18.06
H12 EDO C . 5.50 12.33 16.82
HO1 EDO C . 3.97 14.20 16.75
H21 EDO C . 5.73 11.59 19.33
H22 EDO C . 4.52 10.81 18.31
HO2 EDO C . 3.34 11.41 20.07
C1 EDO D . 19.55 6.69 11.52
O1 EDO D . 18.33 7.41 11.59
C2 EDO D . 20.05 6.47 12.96
O2 EDO D . 19.27 5.47 13.63
H11 EDO D . 19.40 5.73 11.03
H12 EDO D . 20.29 7.25 10.95
HO1 EDO D . 18.00 7.57 10.70
H21 EDO D . 20.01 7.40 13.51
H22 EDO D . 21.09 6.15 12.93
HO2 EDO D . 19.54 5.41 14.56
C1 EDO E . 6.58 8.73 -0.24
O1 EDO E . 6.44 8.10 -1.51
C2 EDO E . 5.26 8.71 0.51
O2 EDO E . 5.26 7.71 1.54
H11 EDO E . 7.35 8.22 0.35
H12 EDO E . 6.91 9.77 -0.38
HO1 EDO E . 7.29 8.15 -2.00
H21 EDO E . 5.07 9.68 0.95
H22 EDO E . 4.45 8.50 -0.19
HO2 EDO E . 4.47 7.81 2.08
C1 EDO F . 6.96 5.99 -17.99
O1 EDO F . 6.22 4.82 -17.74
C2 EDO F . 8.23 5.74 -18.70
O2 EDO F . 8.33 4.42 -19.18
H11 EDO F . 7.16 6.43 -17.13
H12 EDO F . 6.41 6.61 -18.52
HO1 EDO F . 6.15 4.38 -18.47
H21 EDO F . 8.30 6.37 -19.45
H22 EDO F . 8.97 5.91 -18.09
HO2 EDO F . 8.88 3.99 -18.70
C1 EDO G . -9.12 1.02 2.82
O1 EDO G . -9.65 -0.16 3.46
C2 EDO G . -10.16 1.73 1.95
O2 EDO G . -9.64 3.01 1.55
H11 EDO G . -8.27 0.75 2.20
H12 EDO G . -8.77 1.71 3.59
HO1 EDO G . -8.95 -0.56 4.01
H21 EDO G . -11.09 1.87 2.51
H22 EDO G . -10.39 1.13 1.08
HO2 EDO G . -10.23 3.40 0.89
C1 EDO H . -5.70 4.03 -19.80
O1 EDO H . -6.06 4.43 -18.50
C2 EDO H . -6.22 5.19 -20.61
O2 EDO H . -4.96 5.79 -20.77
H11 EDO H . -4.62 3.91 -19.89
H12 EDO H . -6.17 3.09 -20.08
HO1 EDO H . -6.06 3.67 -17.92
H21 EDO H . -6.68 4.88 -21.55
H22 EDO H . -6.94 5.81 -20.07
HO2 EDO H . -4.93 6.27 -21.61
C1 EDO I . 9.07 -16.20 -7.98
O1 EDO I . 10.16 -15.97 -8.80
C2 EDO I . 8.22 -17.27 -8.62
O2 EDO I . 8.75 -18.49 -8.11
H11 EDO I . 9.40 -16.52 -6.98
H12 EDO I . 8.49 -15.27 -7.85
HO1 EDO I . 10.90 -15.63 -8.28
H21 EDO I . 8.29 -17.22 -9.71
H22 EDO I . 7.16 -17.15 -8.36
HO2 EDO I . 8.44 -19.22 -8.65
C1 EDO J . 10.23 -6.18 11.58
O1 EDO J . 10.36 -6.16 13.00
C2 EDO J . 11.56 -5.81 10.92
O2 EDO J . 12.57 -6.67 11.47
H11 EDO J . 9.46 -5.47 11.27
H12 EDO J . 9.92 -7.17 11.25
HO1 EDO J . 9.50 -6.35 13.41
H21 EDO J . 11.49 -5.96 9.83
H22 EDO J . 11.79 -4.77 11.10
HO2 EDO J . 13.41 -6.51 11.03
C1 PEG K . 0.28 5.69 -13.58
O1 PEG K . 1.09 6.82 -13.83
C2 PEG K . -0.83 6.00 -12.57
O2 PEG K . -2.06 5.58 -13.08
C3 PEG K . -3.04 6.59 -13.17
C4 PEG K . -4.36 6.06 -13.74
O4 PEG K . -4.91 4.99 -13.00
H11 PEG K . 0.83 4.99 -13.23
H12 PEG K . -0.12 5.41 -14.42
HO1 PEG K . 1.58 6.66 -14.51
H21 PEG K . -0.65 5.54 -11.75
H22 PEG K . -0.85 6.96 -12.41
H31 PEG K . -2.72 7.30 -13.73
H32 PEG K . -3.20 6.93 -12.28
H41 PEG K . -5.00 6.78 -13.76
H42 PEG K . -4.19 5.74 -14.65
HO4 PEG K . -5.69 4.81 -13.31
C1 EDO L . 9.38 8.54 24.56
O1 EDO L . 8.15 8.25 25.22
C2 EDO L . 10.32 7.40 24.91
O2 EDO L . 11.51 7.45 24.14
H11 EDO L . 9.25 8.61 23.48
H12 EDO L . 9.79 9.49 24.90
HO1 EDO L . 7.51 8.97 25.04
H21 EDO L . 9.81 6.46 24.74
H22 EDO L . 10.58 7.46 25.97
HO2 EDO L . 12.13 6.78 24.45
C1 EDO M . 15.82 13.17 14.26
O1 EDO M . 14.89 12.11 14.55
C2 EDO M . 17.29 12.70 14.39
O2 EDO M . 17.99 12.33 13.18
H11 EDO M . 15.64 14.00 14.94
H12 EDO M . 15.65 13.52 13.24
HO1 EDO M . 13.99 12.45 14.52
H21 EDO M . 17.85 13.51 14.87
H22 EDO M . 17.31 11.85 15.06
HO2 EDO M . 18.91 12.10 13.39
C1 EDO N . 9.54 -4.55 22.92
O1 EDO N . 9.91 -4.43 24.27
C2 EDO N . 8.19 -5.11 22.75
O2 EDO N . 8.02 -5.72 21.50
H11 EDO N . 9.58 -3.67 22.50
H12 EDO N . 10.18 -5.14 22.47
HO1 EDO N . 10.35 -3.72 24.38
H21 EDO N . 8.01 -5.76 23.46
H22 EDO N . 7.53 -4.39 22.85
HO2 EDO N . 7.82 -5.13 20.93
C1 EDO O . 9.43 7.19 -6.67
O1 EDO O . 9.57 8.53 -7.15
C2 EDO O . 10.12 7.03 -5.31
O2 EDO O . 9.36 7.76 -4.33
H11 EDO O . 8.36 6.95 -6.56
H12 EDO O . 9.86 6.49 -7.38
HO1 EDO O . 9.18 8.60 -8.04
H21 EDO O . 11.14 7.42 -5.36
H22 EDO O . 10.18 5.98 -5.03
HO2 EDO O . 9.76 7.65 -3.46
C1 EDO P . 20.05 -4.85 -12.43
O1 EDO P . 20.51 -6.11 -12.93
C2 EDO P . 19.78 -4.91 -10.93
O2 EDO P . 20.97 -4.87 -10.12
H11 EDO P . 19.14 -4.56 -12.95
H12 EDO P . 20.81 -4.09 -12.63
HO1 EDO P . 20.73 -6.04 -13.86
H21 EDO P . 19.23 -5.83 -10.71
H22 EDO P . 19.15 -4.06 -10.65
HO2 EDO P . 20.73 -4.88 -9.18
C1 EDO Q . 10.67 1.99 -0.07
O1 EDO Q . 9.71 1.90 0.98
C2 EDO Q . 10.74 0.81 -0.96
O2 EDO Q . 11.60 -0.21 -0.52
H11 EDO Q . 10.47 2.78 -0.61
H12 EDO Q . 11.56 2.12 0.34
HO1 EDO Q . 9.62 2.66 1.34
H21 EDO Q . 9.84 0.44 -1.05
H22 EDO Q . 11.03 1.11 -1.84
HO2 EDO Q . 11.67 -0.79 -1.13
C1 EDO R . 5.69 12.28 2.41
O1 EDO R . 7.04 12.01 1.96
C2 EDO R . 5.14 11.32 3.48
O2 EDO R . 4.01 11.89 4.19
H11 EDO R . 5.66 13.30 2.80
H12 EDO R . 5.03 12.24 1.53
HO1 EDO R . 7.33 12.73 1.39
H21 EDO R . 5.93 11.10 4.19
H22 EDO R . 4.83 10.39 3.00
HO2 EDO R . 3.57 11.19 4.70
C1 EDO S . 18.33 -4.96 -22.90
O1 EDO S . 17.46 -4.60 -23.98
C2 EDO S . 18.90 -6.37 -23.08
O2 EDO S . 19.77 -6.70 -21.99
H11 EDO S . 17.79 -4.90 -21.96
H12 EDO S . 19.15 -4.24 -22.85
HO1 EDO S . 17.32 -3.65 -23.98
H21 EDO S . 18.08 -7.09 -23.12
H22 EDO S . 19.45 -6.43 -24.03
HO2 EDO S . 20.07 -7.62 -22.08
C1 EDO T . 9.77 -13.73 -3.86
O1 EDO T . 8.70 -12.78 -3.75
C2 EDO T . 9.15 -15.12 -4.04
O2 EDO T . 7.94 -15.18 -3.26
H11 EDO T . 10.40 -13.72 -2.97
H12 EDO T . 10.40 -13.49 -4.73
HO1 EDO T . 9.05 -11.95 -3.39
H21 EDO T . 8.92 -15.29 -5.09
H22 EDO T . 9.85 -15.88 -3.71
HO2 EDO T . 7.41 -15.94 -3.56
C10 XWV U . 16.00 -5.41 -10.59
C15 XWV U . 13.59 -5.08 -10.16
C17 XWV U . 16.54 -6.95 -6.83
C20 XWV U . 19.52 -7.19 -4.58
C21 XWV U . 20.51 -7.65 -5.42
C22 XWV U . 20.23 -7.97 -6.75
C24 XWV U . 18.74 -8.10 -8.62
C03 XWV U . 13.35 -6.71 -5.16
C04 XWV U . 12.31 -7.76 -5.03
C05 XWV U . 11.90 -6.38 -5.43
C06 XWV U . 14.36 -6.62 -6.24
C07 XWV U . 14.04 -6.22 -7.55
C08 XWV U . 15.06 -6.20 -8.45
C11 XWV U . 16.46 -4.01 -10.24
C12 XWV U . 15.65 -5.53 -12.07
C14 XWV U . 13.41 -5.15 -11.69
C18 XWV U . 17.95 -7.28 -6.42
C19 XWV U . 18.23 -6.98 -5.08
C23 XWV U . 18.95 -7.76 -7.30
C25 XWV U . 19.78 -8.58 -9.41
C27 XWV U . 21.26 -8.43 -7.63
C29 XWV U . 14.81 -7.48 -2.93
N01 XWV U . 12.81 -5.83 -2.66
N09 XWV U . 14.84 -5.75 -9.80
N16 XWV U . 16.33 -6.50 -8.11
N26 XWV U . 21.03 -8.74 -8.89
N28 XWV U . 15.60 -7.00 -5.93
O13 XWV U . 14.51 -4.72 -12.38
O30 XWV U . 14.84 -4.99 -3.83
S02 XWV U . 13.95 -6.05 -3.56
H101 XWV U . 16.75 -5.99 -10.39
H151 XWV U . 13.63 -4.16 -9.87
H152 XWV U . 12.85 -5.53 -9.72
H201 XWV U . 19.71 -7.00 -3.68
H211 XWV U . 21.38 -7.76 -5.09
H241 XWV U . 17.89 -8.00 -9.00
H041 XWV U . 12.08 -8.00 -4.12
H042 XWV U . 12.28 -8.41 -5.75
H052 XWV U . 11.66 -6.26 -6.36
H051 XWV U . 11.46 -5.87 -4.74
H071 XWV U . 13.18 -5.96 -7.79
H112 XWV U . 16.39 -3.43 -11.02
H113 XWV U . 17.39 -4.02 -9.95
H111 XWV U . 15.91 -3.64 -9.53
H121 XWV U . 15.45 -6.47 -12.27
H122 XWV U . 16.40 -5.25 -12.61
H141 XWV U . 13.21 -6.06 -11.95
H142 XWV U . 12.66 -4.58 -11.94
H191 XWV U . 17.56 -6.67 -4.53
H251 XWV U . 19.62 -8.80 -10.30
H271 XWV U . 22.13 -8.52 -7.30
H293 XWV U . 15.08 -8.05 -3.67
H292 XWV U . 14.21 -7.99 -2.34
H291 XWV U . 15.58 -7.20 -2.43
H011 XWV U . 12.93 -5.38 -1.91
#